data_5T1A
#
_entry.id   5T1A
#
_cell.length_a   59.230
_cell.length_b   64.690
_cell.length_c   169.980
_cell.angle_alpha   90.000
_cell.angle_beta   90.000
_cell.angle_gamma   90.000
#
_symmetry.space_group_name_H-M   'P 21 21 21'
#
loop_
_entity.id
_entity.type
_entity.pdbx_description
1 polymer 'Chimera protein of CC chemokine receptor type 2 isoform B and T4-lysozyme,Lysozyme'
2 non-polymer (3S)-1-{(1S,2R,4R)-4-[methyl(propan-2-yl)amino]-2-propylcyclohexyl}-3-{[6-(trifluoromethyl)quinazolin-4-yl]amino}pyrrolidin-2-one
3 non-polymer (2~{R})-1-(4-chloranyl-2-fluoranyl-phenyl)-2-cyclohexyl-3-ethanoyl-4-oxidanyl-2~{H}-pyrrol-5-one
4 non-polymer 'SULFATE ION'
5 non-polymer '(2R)-2,3-dihydroxypropyl (9Z)-octadec-9-enoate'
6 non-polymer 'ZINC ION'
7 water water
#
_entity_poly.entity_id   1
_entity_poly.type   'polypeptide(L)'
_entity_poly.pdbx_seq_one_letter_code
;DYKDDDDKPGTLSTSRSRFIRNTNESGEEVTTFFDYDYGAPCHKFDVKQIGAQLLPPLYSLVFIFGFVGNMLVVLILINC
KKLKCLTDIYLLNLAISDLLFLITLPLWAHSAANEWVFGNAMCKLFTGLYHIGYFGGIFFIILLTIDRYLAIVHAVFALK
ARTVTFGVVTSVITWLVAVFASVPGIIFTK(YCM)QKEDSVYVCGPYFPRGWNNFHTIMRNILGLVLPLLIMVICYSGIS
RASKSRINIFEMLRIDEGLRLKIYKDTEGYYTIGIGHLLTKSPSLNAAKSELDKAIGRNTNGVITKDEAEKLFNQDVDAA
VRGILRNAKLKPVYDSLDAVRRAALINMVFQMGETGVAGFTNSLRMLQQKRWDEAAVNLAKSRWYNQTPNRAKRVITTFR
TGTWDAYPPPSREKKAVRVIFTIMIVYFLFWTPYNIVILLNTFQEFFGLSNCESTSQLDQATQVTETLGMTHCCINPIIY
AFVGEKFRRYLSVFFRKHITKRFGRPLEVLFQ
;
_entity_poly.pdbx_strand_id   A
#
# COMPACT_ATOMS: atom_id res chain seq x y z
N VAL A 47 -26.13 -26.09 -20.67
CA VAL A 47 -25.80 -24.86 -19.93
C VAL A 47 -26.05 -23.61 -20.82
N LYS A 48 -25.80 -23.74 -22.14
CA LYS A 48 -26.00 -22.67 -23.10
C LYS A 48 -27.37 -21.95 -23.03
N GLN A 49 -28.42 -22.68 -22.68
CA GLN A 49 -29.74 -22.06 -22.57
C GLN A 49 -29.77 -21.03 -21.44
N ILE A 50 -29.21 -21.41 -20.29
CA ILE A 50 -29.15 -20.53 -19.13
C ILE A 50 -28.22 -19.35 -19.37
N GLY A 51 -27.15 -19.58 -20.13
CA GLY A 51 -26.18 -18.55 -20.43
C GLY A 51 -26.71 -17.44 -21.31
N ALA A 52 -27.61 -17.81 -22.23
CA ALA A 52 -28.15 -16.83 -23.18
C ALA A 52 -29.14 -15.88 -22.51
N GLN A 53 -29.73 -16.33 -21.41
CA GLN A 53 -30.74 -15.53 -20.72
C GLN A 53 -30.13 -14.70 -19.59
N LEU A 54 -28.99 -15.16 -19.07
CA LEU A 54 -28.39 -14.55 -17.89
C LEU A 54 -27.18 -13.67 -18.22
N LEU A 55 -26.28 -14.16 -19.06
CA LEU A 55 -25.03 -13.46 -19.34
C LEU A 55 -25.19 -12.10 -20.04
N PRO A 56 -26.09 -11.99 -21.05
CA PRO A 56 -26.20 -10.65 -21.65
C PRO A 56 -26.67 -9.53 -20.70
N PRO A 57 -27.71 -9.77 -19.87
CA PRO A 57 -28.03 -8.65 -18.98
C PRO A 57 -27.04 -8.47 -17.84
N LEU A 58 -26.44 -9.56 -17.37
CA LEU A 58 -25.49 -9.49 -16.26
C LEU A 58 -24.24 -8.72 -16.64
N TYR A 59 -23.62 -9.11 -17.75
CA TYR A 59 -22.39 -8.46 -18.20
C TYR A 59 -22.64 -7.00 -18.60
N SER A 60 -23.84 -6.73 -19.10
CA SER A 60 -24.20 -5.36 -19.46
C SER A 60 -24.28 -4.48 -18.22
N LEU A 61 -24.87 -5.01 -17.16
CA LEU A 61 -25.02 -4.27 -15.91
C LEU A 61 -23.66 -4.05 -15.25
N VAL A 62 -22.80 -5.07 -15.32
CA VAL A 62 -21.44 -4.97 -14.82
C VAL A 62 -20.65 -3.93 -15.63
N PHE A 63 -20.86 -3.93 -16.94
CA PHE A 63 -20.17 -3.00 -17.83
C PHE A 63 -20.51 -1.55 -17.51
N ILE A 64 -21.79 -1.27 -17.30
CA ILE A 64 -22.26 0.08 -17.04
C ILE A 64 -21.68 0.62 -15.74
N PHE A 65 -21.82 -0.15 -14.66
CA PHE A 65 -21.32 0.27 -13.36
C PHE A 65 -19.81 0.39 -13.34
N GLY A 66 -19.14 -0.59 -13.95
CA GLY A 66 -17.69 -0.63 -13.94
C GLY A 66 -17.03 0.43 -14.78
N PHE A 67 -17.64 0.74 -15.92
CA PHE A 67 -17.09 1.74 -16.82
C PHE A 67 -17.14 3.12 -16.18
N VAL A 68 -18.32 3.54 -15.75
CA VAL A 68 -18.46 4.86 -15.12
C VAL A 68 -17.73 4.92 -13.79
N GLY A 69 -17.55 3.76 -13.15
CA GLY A 69 -16.85 3.69 -11.89
C GLY A 69 -15.37 3.97 -12.03
N ASN A 70 -14.70 3.16 -12.84
CA ASN A 70 -13.26 3.31 -13.07
C ASN A 70 -12.93 4.57 -13.86
N MET A 71 -13.88 5.05 -14.65
CA MET A 71 -13.68 6.28 -15.39
C MET A 71 -13.67 7.46 -14.43
N LEU A 72 -14.55 7.40 -13.42
CA LEU A 72 -14.61 8.45 -12.41
C LEU A 72 -13.34 8.45 -11.58
N VAL A 73 -12.81 7.25 -11.30
CA VAL A 73 -11.55 7.11 -10.59
C VAL A 73 -10.42 7.80 -11.36
N VAL A 74 -10.37 7.57 -12.67
CA VAL A 74 -9.34 8.16 -13.50
C VAL A 74 -9.49 9.68 -13.59
N LEU A 75 -10.72 10.15 -13.80
CA LEU A 75 -10.98 11.58 -13.87
C LEU A 75 -10.52 12.29 -12.61
N ILE A 76 -10.77 11.68 -11.46
CA ILE A 76 -10.35 12.22 -10.18
C ILE A 76 -8.83 12.27 -10.08
N LEU A 77 -8.18 11.17 -10.40
CA LEU A 77 -6.72 11.06 -10.30
C LEU A 77 -6.00 12.05 -11.20
N ILE A 78 -6.66 12.48 -12.28
CA ILE A 78 -6.05 13.39 -13.23
C ILE A 78 -6.44 14.85 -12.97
N ASN A 79 -7.68 15.08 -12.57
CA ASN A 79 -8.20 16.45 -12.43
C ASN A 79 -8.33 16.92 -10.99
N CYS A 80 -8.01 16.06 -10.03
CA CYS A 80 -8.03 16.45 -8.63
C CYS A 80 -6.69 16.17 -7.96
N LYS A 81 -6.22 14.94 -8.08
CA LYS A 81 -4.92 14.55 -7.53
C LYS A 81 -3.79 14.97 -8.46
N LYS A 82 -4.10 15.06 -9.75
CA LYS A 82 -3.18 15.53 -10.80
C LYS A 82 -1.97 14.58 -10.92
N LEU A 83 -2.11 13.37 -10.40
CA LEU A 83 -1.08 12.34 -10.49
C LEU A 83 0.26 12.80 -9.94
N LYS A 84 0.26 13.28 -8.70
CA LYS A 84 1.45 13.86 -8.10
C LYS A 84 2.15 12.86 -7.18
N CYS A 85 1.39 11.92 -6.63
CA CYS A 85 1.92 10.93 -5.71
C CYS A 85 2.17 9.59 -6.40
N LEU A 86 3.10 8.82 -5.86
CA LEU A 86 3.40 7.47 -6.37
C LEU A 86 2.15 6.59 -6.35
N THR A 87 1.38 6.70 -5.28
CA THR A 87 0.21 5.86 -5.10
C THR A 87 -0.88 6.25 -6.11
N ASP A 88 -0.81 7.46 -6.63
CA ASP A 88 -1.77 7.90 -7.65
C ASP A 88 -1.51 7.19 -8.97
N ILE A 89 -0.24 6.88 -9.21
CA ILE A 89 0.16 6.18 -10.43
C ILE A 89 -0.38 4.75 -10.45
N TYR A 90 -0.21 4.05 -9.34
CA TYR A 90 -0.66 2.66 -9.25
C TYR A 90 -2.18 2.55 -9.35
N LEU A 91 -2.90 3.43 -8.66
CA LEU A 91 -4.36 3.44 -8.71
C LEU A 91 -4.84 3.73 -10.13
N LEU A 92 -4.11 4.57 -10.84
CA LEU A 92 -4.42 4.89 -12.23
C LEU A 92 -4.29 3.64 -13.10
N ASN A 93 -3.19 2.92 -12.93
CA ASN A 93 -2.95 1.71 -13.69
C ASN A 93 -3.90 0.58 -13.30
N LEU A 94 -4.32 0.56 -12.04
CA LEU A 94 -5.30 -0.42 -11.58
C LEU A 94 -6.64 -0.18 -12.25
N ALA A 95 -7.00 1.10 -12.38
CA ALA A 95 -8.25 1.48 -13.03
C ALA A 95 -8.21 1.10 -14.50
N ILE A 96 -7.05 1.30 -15.12
CA ILE A 96 -6.86 0.97 -16.53
C ILE A 96 -6.99 -0.54 -16.74
N SER A 97 -6.47 -1.31 -15.79
CA SER A 97 -6.56 -2.77 -15.85
C SER A 97 -8.01 -3.22 -15.93
N ASP A 98 -8.85 -2.66 -15.06
CA ASP A 98 -10.26 -3.02 -15.02
C ASP A 98 -10.97 -2.62 -16.32
N LEU A 99 -10.63 -1.44 -16.84
CA LEU A 99 -11.21 -0.97 -18.08
C LEU A 99 -10.83 -1.88 -19.25
N LEU A 100 -9.54 -2.20 -19.34
CA LEU A 100 -9.05 -3.11 -20.37
C LEU A 100 -9.79 -4.44 -20.33
N PHE A 101 -10.27 -4.79 -19.14
CA PHE A 101 -11.00 -6.04 -18.95
C PHE A 101 -12.46 -5.91 -19.36
N LEU A 102 -13.13 -4.87 -18.86
CA LEU A 102 -14.58 -4.78 -19.01
C LEU A 102 -15.03 -4.30 -20.39
N ILE A 103 -14.13 -3.74 -21.18
CA ILE A 103 -14.48 -3.36 -22.55
C ILE A 103 -14.64 -4.60 -23.42
N THR A 104 -14.19 -5.74 -22.90
CA THR A 104 -14.31 -7.00 -23.62
C THR A 104 -15.64 -7.68 -23.33
N LEU A 105 -16.28 -7.28 -22.23
CA LEU A 105 -17.57 -7.83 -21.82
C LEU A 105 -18.67 -7.83 -22.89
N PRO A 106 -18.85 -6.71 -23.63
CA PRO A 106 -19.91 -6.73 -24.65
C PRO A 106 -19.74 -7.82 -25.69
N LEU A 107 -18.50 -8.21 -25.96
CA LEU A 107 -18.23 -9.26 -26.93
C LEU A 107 -18.54 -10.64 -26.36
N TRP A 108 -18.20 -10.86 -25.09
CA TRP A 108 -18.46 -12.16 -24.47
C TRP A 108 -19.96 -12.36 -24.28
N ALA A 109 -20.65 -11.26 -23.97
CA ALA A 109 -22.09 -11.31 -23.75
C ALA A 109 -22.83 -11.55 -25.06
N HIS A 110 -22.30 -10.99 -26.14
CA HIS A 110 -22.91 -11.16 -27.45
C HIS A 110 -22.72 -12.59 -27.96
N SER A 111 -21.58 -13.20 -27.63
CA SER A 111 -21.29 -14.56 -28.05
C SER A 111 -22.17 -15.57 -27.32
N ALA A 112 -22.51 -15.26 -26.07
CA ALA A 112 -23.36 -16.13 -25.28
C ALA A 112 -24.78 -16.13 -25.84
N ALA A 113 -25.20 -14.98 -26.38
CA ALA A 113 -26.52 -14.85 -26.97
C ALA A 113 -26.56 -15.47 -28.36
N ASN A 114 -25.46 -15.35 -29.09
CA ASN A 114 -25.37 -15.89 -30.44
C ASN A 114 -24.17 -16.82 -30.59
N GLU A 115 -23.18 -16.37 -31.34
CA GLU A 115 -21.92 -17.10 -31.51
C GLU A 115 -20.83 -16.13 -31.92
N TRP A 116 -19.58 -16.55 -31.83
CA TRP A 116 -18.46 -15.68 -32.17
C TRP A 116 -18.40 -15.40 -33.66
N VAL A 117 -18.48 -14.13 -34.03
CA VAL A 117 -18.57 -13.73 -35.43
C VAL A 117 -17.53 -12.68 -35.80
N PHE A 118 -16.62 -12.40 -34.88
CA PHE A 118 -15.69 -11.29 -35.06
C PHE A 118 -14.37 -11.71 -35.70
N GLY A 119 -14.18 -13.01 -35.88
CA GLY A 119 -13.00 -13.51 -36.55
C GLY A 119 -11.94 -14.04 -35.59
N ASN A 120 -10.89 -14.62 -36.15
CA ASN A 120 -9.82 -15.21 -35.37
C ASN A 120 -8.89 -14.14 -34.78
N ALA A 121 -8.57 -13.13 -35.58
CA ALA A 121 -7.70 -12.05 -35.13
C ALA A 121 -8.34 -11.29 -33.98
N MET A 122 -9.64 -11.05 -34.10
CA MET A 122 -10.38 -10.37 -33.05
C MET A 122 -10.47 -11.22 -31.79
N CYS A 123 -10.49 -12.53 -31.98
CA CYS A 123 -10.54 -13.46 -30.86
C CYS A 123 -9.25 -13.42 -30.04
N LYS A 124 -8.11 -13.43 -30.73
CA LYS A 124 -6.82 -13.39 -30.06
C LYS A 124 -6.56 -12.01 -29.45
N LEU A 125 -7.20 -10.99 -30.02
CA LEU A 125 -7.04 -9.62 -29.52
C LEU A 125 -7.74 -9.42 -28.18
N PHE A 126 -9.01 -9.78 -28.11
CA PHE A 126 -9.78 -9.57 -26.90
C PHE A 126 -9.42 -10.57 -25.80
N THR A 127 -8.82 -11.68 -26.19
CA THR A 127 -8.26 -12.61 -25.21
C THR A 127 -7.06 -11.93 -24.55
N GLY A 128 -6.30 -11.18 -25.35
CA GLY A 128 -5.17 -10.43 -24.83
C GLY A 128 -5.57 -9.38 -23.82
N LEU A 129 -6.59 -8.58 -24.16
CA LEU A 129 -7.09 -7.57 -23.23
C LEU A 129 -7.65 -8.21 -21.98
N TYR A 130 -8.31 -9.35 -22.14
CA TYR A 130 -8.89 -10.10 -21.04
C TYR A 130 -7.83 -10.52 -20.03
N HIS A 131 -6.74 -11.09 -20.52
CA HIS A 131 -5.68 -11.58 -19.64
C HIS A 131 -4.81 -10.44 -19.11
N ILE A 132 -4.42 -9.52 -19.97
CA ILE A 132 -3.58 -8.39 -19.56
C ILE A 132 -4.30 -7.54 -18.51
N GLY A 133 -5.57 -7.25 -18.76
CA GLY A 133 -6.38 -6.52 -17.80
C GLY A 133 -6.48 -7.23 -16.46
N TYR A 134 -6.55 -8.55 -16.50
CA TYR A 134 -6.66 -9.35 -15.28
C TYR A 134 -5.37 -9.33 -14.46
N PHE A 135 -4.28 -9.81 -15.07
CA PHE A 135 -3.00 -9.89 -14.38
C PHE A 135 -2.50 -8.52 -13.96
N GLY A 136 -2.73 -7.52 -14.80
CA GLY A 136 -2.39 -6.15 -14.47
C GLY A 136 -3.15 -5.70 -13.22
N GLY A 137 -4.41 -6.11 -13.14
CA GLY A 137 -5.24 -5.79 -11.99
C GLY A 137 -4.64 -6.26 -10.68
N ILE A 138 -4.38 -7.56 -10.58
CA ILE A 138 -3.86 -8.15 -9.35
C ILE A 138 -2.43 -7.67 -9.06
N PHE A 139 -1.65 -7.46 -10.10
CA PHE A 139 -0.28 -7.00 -9.92
C PHE A 139 -0.22 -5.62 -9.26
N PHE A 140 -1.04 -4.69 -9.75
CA PHE A 140 -1.03 -3.34 -9.19
C PHE A 140 -1.71 -3.27 -7.83
N ILE A 141 -2.51 -4.27 -7.51
CA ILE A 141 -3.06 -4.37 -6.15
C ILE A 141 -1.95 -4.77 -5.18
N ILE A 142 -1.08 -5.68 -5.63
CA ILE A 142 0.06 -6.12 -4.83
C ILE A 142 1.04 -4.97 -4.59
N LEU A 143 1.28 -4.17 -5.64
CA LEU A 143 2.18 -3.02 -5.53
C LEU A 143 1.68 -2.02 -4.49
N LEU A 144 0.38 -1.72 -4.54
CA LEU A 144 -0.25 -0.84 -3.57
C LEU A 144 -0.22 -1.44 -2.17
N THR A 145 -0.38 -2.76 -2.11
CA THR A 145 -0.34 -3.47 -0.84
C THR A 145 1.01 -3.31 -0.16
N ILE A 146 2.08 -3.51 -0.92
CA ILE A 146 3.43 -3.36 -0.41
C ILE A 146 3.71 -1.92 -0.02
N ASP A 147 3.30 -0.99 -0.88
CA ASP A 147 3.57 0.44 -0.68
C ASP A 147 2.97 0.95 0.62
N ARG A 148 1.71 0.64 0.87
CA ARG A 148 1.04 1.13 2.06
C ARG A 148 1.47 0.36 3.30
N TYR A 149 1.96 -0.86 3.10
CA TYR A 149 2.56 -1.61 4.20
C TYR A 149 3.84 -0.94 4.65
N LEU A 150 4.74 -0.70 3.71
CA LEU A 150 6.03 -0.07 4.01
C LEU A 150 5.85 1.31 4.63
N ALA A 151 4.76 1.98 4.27
CA ALA A 151 4.50 3.34 4.72
C ALA A 151 4.09 3.41 6.20
N ILE A 152 3.34 2.42 6.67
CA ILE A 152 2.89 2.41 8.06
C ILE A 152 4.00 1.89 8.99
N VAL A 153 5.01 1.25 8.41
CA VAL A 153 6.17 0.80 9.18
C VAL A 153 7.28 1.84 9.02
N HIS A 154 7.02 2.84 8.19
CA HIS A 154 7.94 3.95 7.94
C HIS A 154 9.31 3.45 7.46
N ALA A 155 9.29 2.55 6.47
CA ALA A 155 10.51 2.08 5.83
C ALA A 155 11.22 3.22 5.13
N VAL A 156 12.45 3.51 5.57
CA VAL A 156 13.20 4.66 5.07
C VAL A 156 13.43 4.62 3.56
N PHE A 157 13.86 3.46 3.05
CA PHE A 157 14.13 3.32 1.64
C PHE A 157 12.85 3.45 0.80
N ALA A 158 11.73 3.02 1.36
CA ALA A 158 10.45 3.11 0.66
C ALA A 158 10.02 4.57 0.50
N LEU A 159 10.29 5.37 1.53
CA LEU A 159 9.96 6.79 1.51
C LEU A 159 10.84 7.53 0.50
N LYS A 160 12.10 7.10 0.40
CA LYS A 160 13.02 7.68 -0.56
C LYS A 160 12.70 7.18 -1.97
N ALA A 161 11.92 6.10 -2.05
CA ALA A 161 11.54 5.52 -3.32
C ALA A 161 10.15 5.99 -3.76
N ARG A 162 9.42 6.63 -2.86
CA ARG A 162 8.06 7.06 -3.13
C ARG A 162 8.04 8.25 -4.09
N THR A 163 8.38 8.00 -5.34
CA THR A 163 8.47 9.05 -6.36
C THR A 163 7.70 8.63 -7.61
N VAL A 164 7.18 9.60 -8.36
CA VAL A 164 6.49 9.31 -9.61
C VAL A 164 7.44 8.69 -10.65
N THR A 165 8.74 8.98 -10.52
CA THR A 165 9.74 8.36 -11.37
C THR A 165 9.81 6.87 -11.09
N PHE A 166 9.89 6.51 -9.82
CA PHE A 166 9.88 5.12 -9.41
C PHE A 166 8.58 4.44 -9.80
N GLY A 167 7.50 5.23 -9.81
CA GLY A 167 6.20 4.73 -10.20
C GLY A 167 6.13 4.36 -11.66
N VAL A 168 6.50 5.29 -12.53
CA VAL A 168 6.46 5.09 -13.97
C VAL A 168 7.29 3.88 -14.38
N VAL A 169 8.50 3.77 -13.82
CA VAL A 169 9.41 2.68 -14.17
C VAL A 169 8.82 1.31 -13.78
N THR A 170 8.45 1.16 -12.51
CA THR A 170 7.94 -0.11 -12.03
C THR A 170 6.56 -0.42 -12.60
N SER A 171 5.87 0.60 -13.10
CA SER A 171 4.59 0.39 -13.77
C SER A 171 4.80 -0.19 -15.16
N VAL A 172 5.84 0.27 -15.84
CA VAL A 172 6.19 -0.22 -17.17
C VAL A 172 6.59 -1.70 -17.10
N ILE A 173 7.39 -2.02 -16.08
CA ILE A 173 7.81 -3.41 -15.85
C ILE A 173 6.61 -4.28 -15.50
N THR A 174 5.69 -3.72 -14.72
CA THR A 174 4.49 -4.44 -14.31
C THR A 174 3.60 -4.77 -15.49
N TRP A 175 3.47 -3.84 -16.43
CA TRP A 175 2.67 -4.09 -17.63
C TRP A 175 3.35 -5.13 -18.51
N LEU A 176 4.68 -5.16 -18.51
CA LEU A 176 5.42 -6.17 -19.25
C LEU A 176 5.13 -7.57 -18.75
N VAL A 177 5.33 -7.77 -17.45
CA VAL A 177 5.07 -9.08 -16.82
C VAL A 177 3.62 -9.51 -17.02
N ALA A 178 2.71 -8.54 -17.04
CA ALA A 178 1.31 -8.83 -17.29
C ALA A 178 1.11 -9.33 -18.72
N VAL A 179 1.87 -8.77 -19.65
CA VAL A 179 1.80 -9.18 -21.04
C VAL A 179 2.39 -10.57 -21.25
N PHE A 180 3.57 -10.81 -20.67
CA PHE A 180 4.24 -12.10 -20.80
C PHE A 180 3.43 -13.24 -20.15
N ALA A 181 2.64 -12.90 -19.15
CA ALA A 181 1.77 -13.89 -18.50
C ALA A 181 0.49 -14.09 -19.29
N SER A 182 0.30 -13.27 -20.32
CA SER A 182 -0.89 -13.35 -21.16
C SER A 182 -0.59 -14.06 -22.47
N VAL A 183 0.68 -14.09 -22.83
CA VAL A 183 1.13 -14.69 -24.09
C VAL A 183 0.66 -16.14 -24.29
N PRO A 184 0.81 -17.02 -23.27
CA PRO A 184 0.32 -18.38 -23.50
C PRO A 184 -1.18 -18.41 -23.81
N GLY A 185 -1.96 -17.62 -23.07
CA GLY A 185 -3.39 -17.54 -23.29
C GLY A 185 -3.73 -17.07 -24.69
N ILE A 186 -2.98 -16.09 -25.19
CA ILE A 186 -3.21 -15.54 -26.52
C ILE A 186 -2.87 -16.54 -27.62
N ILE A 187 -1.71 -17.18 -27.50
CA ILE A 187 -1.21 -18.09 -28.52
C ILE A 187 -2.17 -19.26 -28.80
N PHE A 188 -2.61 -19.94 -27.75
CA PHE A 188 -3.40 -21.14 -27.91
C PHE A 188 -4.91 -20.88 -27.89
N THR A 189 -5.30 -19.62 -28.02
CA THR A 189 -6.72 -19.30 -28.14
C THR A 189 -7.06 -18.95 -29.58
N LYS A 190 -8.08 -19.62 -30.12
CA LYS A 190 -8.44 -19.48 -31.53
C LYS A 190 -9.96 -19.41 -31.73
N GLN A 192 -12.74 -21.31 -33.64
CA GLN A 192 -12.97 -22.58 -34.30
C GLN A 192 -14.44 -22.99 -34.29
N LYS A 193 -14.87 -23.68 -35.34
CA LYS A 193 -16.23 -24.19 -35.43
C LYS A 193 -16.34 -25.50 -34.67
N GLU A 194 -17.04 -25.48 -33.55
CA GLU A 194 -17.27 -26.70 -32.76
C GLU A 194 -18.76 -27.07 -32.75
N ASP A 195 -19.08 -28.26 -33.24
CA ASP A 195 -20.45 -28.75 -33.34
C ASP A 195 -21.32 -27.77 -34.13
N SER A 196 -20.77 -27.30 -35.24
CA SER A 196 -21.43 -26.35 -36.13
C SER A 196 -21.73 -25.01 -35.46
N VAL A 197 -20.99 -24.70 -34.39
CA VAL A 197 -21.10 -23.40 -33.72
C VAL A 197 -19.72 -22.80 -33.52
N TYR A 198 -19.56 -21.53 -33.86
CA TYR A 198 -18.28 -20.85 -33.66
C TYR A 198 -18.03 -20.55 -32.19
N VAL A 199 -16.81 -20.80 -31.74
CA VAL A 199 -16.42 -20.46 -30.38
C VAL A 199 -15.04 -19.83 -30.34
N CYS A 200 -14.90 -18.80 -29.53
CA CYS A 200 -13.59 -18.25 -29.21
C CYS A 200 -13.13 -18.89 -27.92
N GLY A 201 -12.32 -19.94 -28.02
CA GLY A 201 -11.90 -20.69 -26.85
C GLY A 201 -10.44 -21.07 -26.86
N PRO A 202 -9.95 -21.55 -25.71
CA PRO A 202 -8.56 -22.01 -25.53
C PRO A 202 -8.35 -23.43 -26.06
N TYR A 203 -7.22 -23.66 -26.72
CA TYR A 203 -6.90 -24.98 -27.25
C TYR A 203 -5.46 -25.37 -26.94
N PHE A 204 -5.12 -25.37 -25.65
CA PHE A 204 -3.80 -25.79 -25.20
C PHE A 204 -3.57 -27.27 -25.43
N PRO A 205 -2.34 -27.66 -25.75
CA PRO A 205 -1.98 -29.09 -25.67
C PRO A 205 -2.07 -29.57 -24.22
N ARG A 206 -1.94 -30.88 -24.01
CA ARG A 206 -2.11 -31.46 -22.67
C ARG A 206 -1.17 -30.83 -21.65
N GLY A 207 0.11 -30.77 -22.01
CA GLY A 207 1.12 -30.22 -21.11
C GLY A 207 0.99 -28.74 -20.88
N TRP A 208 0.57 -28.01 -21.91
CA TRP A 208 0.48 -26.56 -21.84
C TRP A 208 -0.70 -26.08 -21.01
N ASN A 209 -1.77 -26.88 -20.97
CA ASN A 209 -2.92 -26.54 -20.15
C ASN A 209 -2.60 -26.72 -18.67
N ASN A 210 -1.77 -27.73 -18.37
CA ASN A 210 -1.32 -27.96 -17.01
C ASN A 210 -0.42 -26.83 -16.54
N PHE A 211 0.51 -26.44 -17.40
CA PHE A 211 1.42 -25.35 -17.07
C PHE A 211 0.67 -24.05 -16.86
N HIS A 212 -0.29 -23.77 -17.75
CA HIS A 212 -1.05 -22.54 -17.66
C HIS A 212 -1.86 -22.47 -16.37
N THR A 213 -2.37 -23.62 -15.95
CA THR A 213 -3.18 -23.69 -14.73
C THR A 213 -2.35 -23.36 -13.50
N ILE A 214 -1.20 -24.00 -13.34
CA ILE A 214 -0.37 -23.77 -12.16
C ILE A 214 0.27 -22.39 -12.20
N MET A 215 0.51 -21.86 -13.39
CA MET A 215 1.09 -20.53 -13.53
C MET A 215 0.07 -19.47 -13.08
N ARG A 216 -1.17 -19.65 -13.51
CA ARG A 216 -2.24 -18.74 -13.15
C ARG A 216 -2.47 -18.75 -11.64
N ASN A 217 -2.41 -19.95 -11.04
CA ASN A 217 -2.60 -20.10 -9.61
C ASN A 217 -1.49 -19.45 -8.79
N ILE A 218 -0.27 -19.47 -9.32
CA ILE A 218 0.85 -18.84 -8.64
C ILE A 218 0.71 -17.32 -8.68
N LEU A 219 0.54 -16.77 -9.86
CA LEU A 219 0.51 -15.32 -10.04
C LEU A 219 -0.76 -14.69 -9.48
N GLY A 220 -1.85 -15.46 -9.45
CA GLY A 220 -3.14 -14.92 -9.04
C GLY A 220 -3.63 -15.35 -7.68
N LEU A 221 -2.84 -16.16 -6.98
CA LEU A 221 -3.25 -16.68 -5.68
C LEU A 221 -2.07 -16.86 -4.73
N VAL A 222 -1.13 -17.73 -5.11
CA VAL A 222 0.02 -18.03 -4.25
C VAL A 222 0.88 -16.80 -4.01
N LEU A 223 1.16 -16.04 -5.06
CA LEU A 223 1.96 -14.82 -4.93
C LEU A 223 1.26 -13.74 -4.09
N PRO A 224 0.00 -13.40 -4.40
CA PRO A 224 -0.64 -12.37 -3.56
C PRO A 224 -0.82 -12.80 -2.11
N LEU A 225 -1.13 -14.07 -1.90
CA LEU A 225 -1.36 -14.60 -0.56
C LEU A 225 -0.10 -14.49 0.28
N LEU A 226 1.03 -14.84 -0.31
CA LEU A 226 2.31 -14.78 0.38
C LEU A 226 2.68 -13.33 0.69
N ILE A 227 2.53 -12.46 -0.30
CA ILE A 227 2.79 -11.03 -0.13
C ILE A 227 2.00 -10.46 1.03
N MET A 228 0.73 -10.83 1.13
CA MET A 228 -0.14 -10.30 2.16
C MET A 228 0.25 -10.81 3.54
N VAL A 229 0.71 -12.05 3.62
CA VAL A 229 1.14 -12.63 4.89
C VAL A 229 2.39 -11.91 5.40
N ILE A 230 3.33 -11.65 4.50
CA ILE A 230 4.53 -10.90 4.84
C ILE A 230 4.16 -9.55 5.42
N CYS A 231 3.25 -8.85 4.75
CA CYS A 231 2.81 -7.53 5.17
C CYS A 231 2.09 -7.57 6.51
N TYR A 232 1.18 -8.53 6.69
CA TYR A 232 0.46 -8.66 7.94
C TYR A 232 1.40 -8.95 9.10
N SER A 233 2.41 -9.79 8.85
CA SER A 233 3.40 -10.12 9.87
C SER A 233 4.20 -8.88 10.24
N GLY A 234 4.75 -8.21 9.23
CA GLY A 234 5.56 -7.01 9.44
C GLY A 234 4.82 -5.89 10.13
N ILE A 235 3.52 -5.82 9.93
CA ILE A 235 2.68 -4.82 10.59
C ILE A 235 2.48 -5.18 12.07
N SER A 236 2.15 -6.45 12.32
CA SER A 236 1.86 -6.90 13.68
C SER A 236 3.11 -6.99 14.56
N ARG A 237 4.27 -7.04 13.90
CA ARG A 237 5.54 -7.15 14.60
C ARG A 237 6.12 -5.78 14.92
N ALA A 238 5.79 -4.79 14.10
CA ALA A 238 6.26 -3.42 14.31
C ALA A 238 5.70 -2.83 15.60
N SER A 239 4.38 -2.71 15.68
CA SER A 239 3.71 -2.24 16.89
C SER A 239 2.25 -2.65 16.93
N LYS A 240 1.72 -2.83 18.13
CA LYS A 240 0.31 -3.17 18.30
C LYS A 240 -0.56 -1.91 18.24
N SER A 241 0.06 -0.76 18.53
CA SER A 241 -0.61 0.52 18.49
C SER A 241 -0.30 1.26 17.20
N ARG A 242 0.52 0.64 16.36
CA ARG A 242 0.96 1.19 15.08
C ARG A 242 1.68 2.54 15.23
N ILE A 243 2.23 2.79 16.42
CA ILE A 243 2.90 4.06 16.68
C ILE A 243 4.41 3.94 16.55
N ASN A 244 5.00 4.85 15.76
CA ASN A 244 6.44 4.89 15.57
C ASN A 244 7.01 6.15 16.22
N ILE A 245 8.34 6.27 16.22
CA ILE A 245 8.99 7.46 16.78
C ILE A 245 8.57 8.71 16.00
N PHE A 246 8.18 8.52 14.75
CA PHE A 246 7.72 9.61 13.90
C PHE A 246 6.49 10.28 14.49
N GLU A 247 5.50 9.47 14.87
CA GLU A 247 4.28 9.99 15.47
C GLU A 247 4.56 10.67 16.80
N MET A 248 5.50 10.12 17.56
CA MET A 248 5.82 10.66 18.89
C MET A 248 6.38 12.08 18.80
N LEU A 249 7.40 12.26 17.98
CA LEU A 249 8.07 13.54 17.87
C LEU A 249 7.27 14.51 17.00
N ARG A 250 6.27 14.01 16.30
CA ARG A 250 5.34 14.87 15.58
C ARG A 250 4.39 15.55 16.56
N ILE A 251 4.02 14.83 17.61
CA ILE A 251 3.16 15.38 18.65
C ILE A 251 3.94 16.32 19.55
N ASP A 252 5.11 15.88 20.00
CA ASP A 252 5.92 16.62 20.97
C ASP A 252 6.63 17.83 20.37
N GLU A 253 7.24 17.66 19.20
CA GLU A 253 8.05 18.71 18.61
C GLU A 253 7.26 19.51 17.57
N GLY A 254 6.21 18.90 17.02
CA GLY A 254 5.40 19.56 16.01
C GLY A 254 5.87 19.28 14.59
N LEU A 255 5.14 19.81 13.62
CA LEU A 255 5.48 19.62 12.22
C LEU A 255 5.40 20.93 11.44
N ARG A 256 6.54 21.39 10.95
CA ARG A 256 6.60 22.66 10.23
C ARG A 256 6.68 22.46 8.73
N LEU A 257 5.68 22.96 8.01
CA LEU A 257 5.67 22.88 6.55
C LEU A 257 6.18 24.19 5.95
N LYS A 258 6.08 25.26 6.72
CA LYS A 258 6.67 26.54 6.34
C LYS A 258 7.72 26.92 7.36
N ILE A 259 8.77 27.63 6.91
CA ILE A 259 9.88 28.01 7.79
C ILE A 259 9.37 28.74 9.02
N TYR A 260 9.51 28.10 10.17
CA TYR A 260 8.98 28.60 11.42
C TYR A 260 10.06 29.28 12.25
N LYS A 261 9.79 30.49 12.70
CA LYS A 261 10.71 31.21 13.57
C LYS A 261 10.51 30.80 15.02
N ASP A 262 11.56 30.25 15.63
CA ASP A 262 11.49 29.75 17.00
C ASP A 262 11.14 30.86 17.99
N THR A 263 10.66 30.47 19.16
CA THR A 263 10.24 31.42 20.20
C THR A 263 11.37 32.34 20.62
N GLU A 264 12.61 31.84 20.50
CA GLU A 264 13.78 32.61 20.85
C GLU A 264 14.25 33.50 19.69
N GLY A 265 14.20 32.96 18.48
CA GLY A 265 14.60 33.70 17.30
C GLY A 265 15.25 32.82 16.26
N TYR A 266 15.36 31.53 16.58
CA TYR A 266 15.96 30.56 15.65
C TYR A 266 15.00 30.20 14.52
N TYR A 267 15.54 29.62 13.46
CA TYR A 267 14.72 29.19 12.33
C TYR A 267 14.66 27.67 12.25
N THR A 268 13.44 27.13 12.21
CA THR A 268 13.26 25.68 12.16
C THR A 268 12.38 25.25 10.99
N ILE A 269 12.30 23.94 10.78
CA ILE A 269 11.44 23.36 9.76
C ILE A 269 11.17 21.89 10.11
N GLY A 270 10.08 21.35 9.57
CA GLY A 270 9.73 19.95 9.79
C GLY A 270 9.59 19.61 11.26
N ILE A 271 10.14 18.45 11.64
CA ILE A 271 10.10 18.02 13.03
C ILE A 271 11.38 18.43 13.75
N GLY A 272 11.39 19.66 14.25
CA GLY A 272 12.50 20.19 15.02
C GLY A 272 13.85 20.15 14.32
N HIS A 273 13.94 20.81 13.15
CA HIS A 273 15.20 20.87 12.42
C HIS A 273 15.72 22.30 12.34
N LEU A 274 16.82 22.57 13.03
CA LEU A 274 17.41 23.89 13.05
C LEU A 274 18.06 24.24 11.71
N LEU A 275 17.65 25.37 11.14
CA LEU A 275 18.20 25.84 9.87
C LEU A 275 19.39 26.78 10.12
N THR A 276 19.16 27.81 10.92
CA THR A 276 20.20 28.76 11.28
C THR A 276 19.81 29.53 12.54
N LYS A 277 20.76 30.27 13.12
CA LYS A 277 20.52 30.99 14.36
C LYS A 277 20.58 32.52 14.17
N SER A 278 20.50 32.95 12.92
CA SER A 278 20.66 34.36 12.60
C SER A 278 19.48 34.93 11.79
N PRO A 279 19.08 36.17 12.10
CA PRO A 279 17.85 36.85 11.65
C PRO A 279 17.39 36.64 10.21
N SER A 280 18.31 36.69 9.26
CA SER A 280 17.95 36.65 7.84
C SER A 280 17.15 35.42 7.46
N LEU A 281 15.93 35.64 6.97
CA LEU A 281 15.10 34.55 6.47
C LEU A 281 15.64 34.06 5.14
N ASN A 282 16.37 34.93 4.45
CA ASN A 282 17.07 34.56 3.23
C ASN A 282 18.19 33.57 3.54
N ALA A 283 18.84 33.77 4.67
CA ALA A 283 19.86 32.84 5.15
C ALA A 283 19.21 31.53 5.55
N ALA A 284 18.01 31.62 6.10
CA ALA A 284 17.25 30.43 6.51
C ALA A 284 16.83 29.62 5.30
N LYS A 285 16.33 30.30 4.28
CA LYS A 285 15.94 29.65 3.04
C LYS A 285 17.15 29.05 2.34
N SER A 286 18.28 29.76 2.40
CA SER A 286 19.52 29.30 1.81
C SER A 286 19.95 27.96 2.39
N GLU A 287 19.92 27.86 3.72
CA GLU A 287 20.34 26.64 4.41
C GLU A 287 19.37 25.50 4.13
N LEU A 288 18.08 25.83 3.99
CA LEU A 288 17.06 24.81 3.76
C LEU A 288 17.10 24.28 2.33
N ASP A 289 17.21 25.18 1.37
CA ASP A 289 17.23 24.81 -0.04
C ASP A 289 18.42 23.92 -0.36
N LYS A 290 19.45 23.97 0.49
CA LYS A 290 20.62 23.11 0.35
C LYS A 290 20.34 21.73 0.94
N ALA A 291 19.60 21.70 2.05
CA ALA A 291 19.30 20.46 2.76
C ALA A 291 18.26 19.60 2.02
N ILE A 292 17.59 20.21 1.04
CA ILE A 292 16.56 19.51 0.27
C ILE A 292 17.04 19.20 -1.15
N GLY A 293 17.60 20.21 -1.81
CA GLY A 293 18.02 20.07 -3.20
C GLY A 293 16.92 20.53 -4.13
N ARG A 294 16.12 21.48 -3.66
CA ARG A 294 14.97 21.96 -4.42
C ARG A 294 14.73 23.44 -4.12
N ASN A 295 14.05 24.13 -5.03
CA ASN A 295 13.63 25.51 -4.78
C ASN A 295 12.33 25.52 -3.98
N THR A 296 12.45 25.68 -2.66
CA THR A 296 11.32 25.49 -1.76
C THR A 296 10.52 26.76 -1.47
N ASN A 297 11.18 27.92 -1.60
CA ASN A 297 10.59 29.21 -1.25
C ASN A 297 10.15 29.27 0.20
N GLY A 298 10.71 28.40 1.04
CA GLY A 298 10.38 28.36 2.44
C GLY A 298 9.23 27.43 2.79
N VAL A 299 8.86 26.58 1.84
CA VAL A 299 7.76 25.63 2.04
C VAL A 299 8.22 24.19 1.80
N ILE A 300 7.88 23.30 2.73
CA ILE A 300 8.28 21.90 2.63
C ILE A 300 7.05 21.00 2.49
N THR A 301 7.25 19.76 2.04
CA THR A 301 6.16 18.81 1.97
C THR A 301 6.26 17.78 3.09
N LYS A 302 5.14 17.12 3.37
CA LYS A 302 5.04 16.19 4.49
C LYS A 302 6.10 15.08 4.44
N ASP A 303 6.33 14.54 3.26
CA ASP A 303 7.32 13.47 3.10
C ASP A 303 8.74 14.02 3.17
N GLU A 304 8.93 15.26 2.75
CA GLU A 304 10.25 15.91 2.85
C GLU A 304 10.60 16.17 4.31
N ALA A 305 9.57 16.32 5.13
CA ALA A 305 9.76 16.52 6.56
C ALA A 305 10.27 15.24 7.21
N GLU A 306 9.68 14.11 6.85
CA GLU A 306 10.06 12.83 7.44
C GLU A 306 11.44 12.40 6.94
N LYS A 307 11.76 12.78 5.70
CA LYS A 307 13.08 12.51 5.14
C LYS A 307 14.14 13.27 5.94
N LEU A 308 13.85 14.53 6.24
CA LEU A 308 14.73 15.33 7.11
C LEU A 308 14.73 14.76 8.52
N PHE A 309 13.56 14.32 8.97
CA PHE A 309 13.39 13.77 10.30
C PHE A 309 14.27 12.54 10.52
N ASN A 310 14.31 11.66 9.52
CA ASN A 310 15.14 10.46 9.59
C ASN A 310 16.62 10.80 9.68
N GLN A 311 17.01 11.87 8.98
CA GLN A 311 18.40 12.33 9.02
C GLN A 311 18.75 12.90 10.40
N ASP A 312 17.76 13.41 11.10
CA ASP A 312 17.97 14.01 12.41
C ASP A 312 17.93 12.96 13.52
N VAL A 313 17.18 11.88 13.29
CA VAL A 313 17.08 10.82 14.29
C VAL A 313 18.37 10.02 14.40
N ASP A 314 18.88 9.55 13.27
CA ASP A 314 20.11 8.75 13.30
C ASP A 314 21.31 9.61 13.67
N ALA A 315 21.20 10.91 13.44
CA ALA A 315 22.23 11.86 13.85
C ALA A 315 22.25 12.02 15.37
N ALA A 316 21.06 12.00 15.96
CA ALA A 316 20.92 12.05 17.41
C ALA A 316 21.45 10.76 18.02
N VAL A 317 21.08 9.64 17.43
CA VAL A 317 21.55 8.33 17.87
C VAL A 317 23.07 8.24 17.72
N ARG A 318 23.57 8.83 16.64
CA ARG A 318 25.00 8.89 16.41
C ARG A 318 25.68 9.64 17.54
N GLY A 319 25.06 10.74 17.97
CA GLY A 319 25.61 11.55 19.04
C GLY A 319 25.54 10.87 20.38
N ILE A 320 24.42 10.21 20.66
CA ILE A 320 24.22 9.46 21.89
C ILE A 320 25.26 8.35 22.04
N LEU A 321 25.46 7.59 20.95
CA LEU A 321 26.42 6.50 20.95
C LEU A 321 27.87 6.99 20.92
N ARG A 322 28.05 8.31 20.94
CA ARG A 322 29.38 8.90 20.99
C ARG A 322 29.59 9.66 22.30
N ASN A 323 28.57 9.64 23.15
CA ASN A 323 28.65 10.28 24.47
C ASN A 323 28.89 9.25 25.56
N ALA A 324 29.86 9.52 26.43
CA ALA A 324 30.31 8.55 27.42
C ALA A 324 29.27 8.25 28.48
N LYS A 325 28.31 9.15 28.65
CA LYS A 325 27.31 9.00 29.70
C LYS A 325 25.96 8.57 29.15
N LEU A 326 25.77 8.73 27.84
CA LEU A 326 24.50 8.39 27.21
C LEU A 326 24.54 7.02 26.54
N LYS A 327 25.74 6.53 26.24
CA LYS A 327 25.89 5.26 25.53
C LYS A 327 25.48 4.03 26.36
N PRO A 328 25.96 3.89 27.61
CA PRO A 328 25.55 2.68 28.34
C PRO A 328 24.04 2.65 28.64
N VAL A 329 23.45 3.83 28.84
CA VAL A 329 22.02 3.93 29.08
C VAL A 329 21.23 3.52 27.85
N TYR A 330 21.63 4.04 26.71
CA TYR A 330 20.96 3.79 25.44
C TYR A 330 21.03 2.33 25.03
N ASP A 331 22.13 1.67 25.40
CA ASP A 331 22.34 0.28 25.02
C ASP A 331 21.51 -0.69 25.84
N SER A 332 21.05 -0.24 27.01
CA SER A 332 20.27 -1.10 27.91
C SER A 332 18.77 -0.88 27.71
N LEU A 333 18.40 -0.04 26.76
CA LEU A 333 17.01 0.28 26.53
C LEU A 333 16.47 -0.38 25.26
N ASP A 334 15.18 -0.72 25.28
CA ASP A 334 14.52 -1.27 24.10
C ASP A 334 14.16 -0.15 23.13
N ALA A 335 13.65 -0.52 21.96
CA ALA A 335 13.38 0.44 20.89
C ALA A 335 12.39 1.54 21.28
N VAL A 336 11.47 1.22 22.20
CA VAL A 336 10.48 2.19 22.63
C VAL A 336 11.10 3.22 23.58
N ARG A 337 11.76 2.74 24.63
CA ARG A 337 12.37 3.63 25.61
C ARG A 337 13.57 4.38 25.04
N ARG A 338 14.20 3.82 24.02
CA ARG A 338 15.28 4.51 23.31
C ARG A 338 14.73 5.73 22.61
N ALA A 339 13.52 5.61 22.07
CA ALA A 339 12.88 6.72 21.36
C ALA A 339 12.64 7.88 22.31
N ALA A 340 12.22 7.57 23.53
CA ALA A 340 11.97 8.60 24.54
C ALA A 340 13.26 9.34 24.89
N LEU A 341 14.38 8.62 24.84
CA LEU A 341 15.68 9.23 25.11
C LEU A 341 16.08 10.15 23.95
N ILE A 342 15.79 9.72 22.74
CA ILE A 342 16.01 10.54 21.55
C ILE A 342 15.09 11.76 21.58
N ASN A 343 13.91 11.57 22.15
CA ASN A 343 12.97 12.67 22.34
C ASN A 343 13.60 13.76 23.21
N MET A 344 14.22 13.35 24.32
CA MET A 344 14.84 14.30 25.23
C MET A 344 16.03 15.01 24.58
N VAL A 345 16.79 14.27 23.77
CA VAL A 345 17.90 14.84 23.04
C VAL A 345 17.39 15.85 22.01
N PHE A 346 16.24 15.54 21.40
CA PHE A 346 15.62 16.43 20.42
C PHE A 346 15.23 17.77 21.06
N GLN A 347 15.03 17.77 22.36
CA GLN A 347 14.57 18.96 23.06
C GLN A 347 15.70 19.74 23.72
N MET A 348 16.56 19.05 24.45
CA MET A 348 17.56 19.72 25.28
C MET A 348 19.00 19.53 24.80
N GLY A 349 19.22 18.59 23.90
CA GLY A 349 20.56 18.29 23.44
C GLY A 349 21.25 17.30 24.35
N GLU A 350 22.31 16.66 23.85
CA GLU A 350 23.02 15.62 24.59
C GLU A 350 23.63 16.14 25.89
N THR A 351 24.07 17.39 25.88
CA THR A 351 24.64 18.02 27.07
C THR A 351 23.59 18.13 28.18
N GLY A 352 22.38 18.48 27.81
CA GLY A 352 21.28 18.61 28.76
C GLY A 352 20.83 17.27 29.29
N VAL A 353 20.72 16.28 28.41
CA VAL A 353 20.30 14.94 28.80
C VAL A 353 21.33 14.31 29.73
N ALA A 354 22.60 14.60 29.48
CA ALA A 354 23.69 14.09 30.32
C ALA A 354 23.67 14.71 31.72
N GLY A 355 22.88 15.77 31.87
CA GLY A 355 22.72 16.42 33.16
C GLY A 355 21.90 15.62 34.13
N PHE A 356 20.97 14.82 33.61
CA PHE A 356 20.13 13.96 34.43
C PHE A 356 20.89 12.74 34.93
N THR A 357 21.98 12.97 35.65
CA THR A 357 22.86 11.89 36.08
C THR A 357 22.12 10.82 36.90
N ASN A 358 21.34 11.27 37.87
CA ASN A 358 20.58 10.35 38.71
C ASN A 358 19.61 9.49 37.90
N SER A 359 18.71 10.16 37.17
CA SER A 359 17.67 9.48 36.42
C SER A 359 18.23 8.49 35.40
N LEU A 360 19.32 8.88 34.76
CA LEU A 360 19.96 8.04 33.74
C LEU A 360 20.46 6.72 34.33
N ARG A 361 21.07 6.80 35.51
CA ARG A 361 21.56 5.61 36.19
C ARG A 361 20.41 4.66 36.53
N MET A 362 19.32 5.23 37.01
CA MET A 362 18.14 4.45 37.39
C MET A 362 17.48 3.82 36.17
N LEU A 363 17.52 4.52 35.04
CA LEU A 363 17.02 3.97 33.79
C LEU A 363 17.94 2.84 33.33
N GLN A 364 19.24 3.06 33.50
CA GLN A 364 20.24 2.07 33.14
C GLN A 364 20.07 0.80 33.98
N GLN A 365 19.46 0.95 35.15
CA GLN A 365 19.29 -0.17 36.07
C GLN A 365 17.87 -0.76 36.03
N LYS A 366 17.09 -0.34 35.05
CA LYS A 366 15.73 -0.85 34.86
C LYS A 366 14.80 -0.60 36.04
N ARG A 367 15.02 0.51 36.75
CA ARG A 367 14.11 0.91 37.83
C ARG A 367 13.16 1.99 37.33
N TRP A 368 12.23 1.59 36.48
CA TRP A 368 11.38 2.52 35.74
C TRP A 368 10.51 3.39 36.64
N ASP A 369 9.87 2.78 37.63
CA ASP A 369 8.97 3.50 38.52
C ASP A 369 9.69 4.59 39.29
N GLU A 370 10.82 4.24 39.88
CA GLU A 370 11.60 5.19 40.68
C GLU A 370 12.20 6.29 39.82
N ALA A 371 12.65 5.93 38.63
CA ALA A 371 13.20 6.90 37.68
C ALA A 371 12.12 7.84 37.16
N ALA A 372 10.88 7.35 37.13
CA ALA A 372 9.76 8.15 36.69
C ALA A 372 9.44 9.24 37.70
N VAL A 373 9.44 8.87 38.98
CA VAL A 373 9.15 9.79 40.06
C VAL A 373 10.22 10.87 40.16
N ASN A 374 11.48 10.46 40.07
CA ASN A 374 12.59 11.39 40.18
C ASN A 374 12.61 12.41 39.04
N LEU A 375 12.18 11.99 37.86
CA LEU A 375 12.14 12.88 36.70
C LEU A 375 11.01 13.90 36.82
N ALA A 376 9.99 13.57 37.61
CA ALA A 376 8.86 14.47 37.83
C ALA A 376 9.20 15.56 38.85
N LYS A 377 10.47 15.62 39.26
CA LYS A 377 10.91 16.62 40.22
C LYS A 377 11.91 17.57 39.57
N SER A 378 12.27 17.27 38.33
CA SER A 378 13.29 18.04 37.62
C SER A 378 12.78 19.40 37.17
N ARG A 379 13.71 20.28 36.84
CA ARG A 379 13.39 21.59 36.28
C ARG A 379 12.77 21.42 34.90
N TRP A 380 13.24 20.43 34.17
CA TRP A 380 12.72 20.13 32.84
C TRP A 380 11.25 19.74 32.89
N TYR A 381 10.85 19.02 33.94
CA TYR A 381 9.46 18.59 34.07
C TYR A 381 8.52 19.75 34.31
N ASN A 382 8.84 20.60 35.28
CA ASN A 382 7.97 21.70 35.70
C ASN A 382 7.84 22.79 34.63
N GLN A 383 8.85 22.92 33.80
CA GLN A 383 8.85 23.95 32.77
C GLN A 383 7.99 23.54 31.57
N THR A 384 8.04 22.26 31.23
CA THR A 384 7.19 21.72 30.17
C THR A 384 6.49 20.44 30.61
N PRO A 385 5.46 20.57 31.46
CA PRO A 385 4.82 19.44 32.13
C PRO A 385 4.13 18.43 31.19
N ASN A 386 3.37 18.90 30.21
CA ASN A 386 2.58 17.99 29.37
C ASN A 386 3.46 17.11 28.48
N ARG A 387 4.48 17.67 27.87
CA ARG A 387 5.40 16.89 27.05
C ARG A 387 6.21 15.93 27.93
N ALA A 388 6.69 16.42 29.06
CA ALA A 388 7.48 15.61 29.97
C ALA A 388 6.67 14.44 30.50
N LYS A 389 5.44 14.71 30.92
CA LYS A 389 4.55 13.71 31.49
C LYS A 389 4.38 12.48 30.60
N ARG A 390 4.21 12.70 29.30
CA ARG A 390 3.98 11.61 28.37
C ARG A 390 5.28 10.94 27.94
N VAL A 391 6.40 11.63 28.18
CA VAL A 391 7.71 11.02 27.96
C VAL A 391 8.05 10.14 29.16
N ILE A 392 7.76 10.65 30.37
CA ILE A 392 7.95 9.89 31.60
C ILE A 392 7.14 8.60 31.58
N THR A 393 5.94 8.68 31.02
CA THR A 393 5.07 7.52 30.90
C THR A 393 5.68 6.49 29.95
N THR A 394 6.23 6.96 28.83
CA THR A 394 6.89 6.08 27.87
C THR A 394 8.04 5.32 28.53
N PHE A 395 8.86 6.04 29.29
CA PHE A 395 9.99 5.45 30.00
C PHE A 395 9.55 4.49 31.09
N ARG A 396 8.42 4.80 31.74
CA ARG A 396 7.93 3.98 32.85
C ARG A 396 7.26 2.69 32.35
N THR A 397 6.45 2.81 31.31
CA THR A 397 5.68 1.66 30.81
C THR A 397 6.34 0.95 29.65
N GLY A 398 7.19 1.65 28.90
CA GLY A 398 7.83 1.06 27.75
C GLY A 398 6.88 0.84 26.59
N THR A 399 5.82 1.63 26.55
CA THR A 399 4.81 1.52 25.50
C THR A 399 4.45 2.89 24.93
N TRP A 400 3.63 2.90 23.90
CA TRP A 400 3.24 4.15 23.25
C TRP A 400 1.89 4.65 23.75
N ASP A 401 1.50 4.22 24.94
CA ASP A 401 0.18 4.52 25.48
C ASP A 401 -0.01 6.00 25.76
N ALA A 402 1.09 6.74 25.83
CA ALA A 402 1.04 8.16 26.11
C ALA A 402 0.75 8.98 24.86
N TYR A 403 0.66 8.31 23.72
CA TYR A 403 0.50 9.00 22.45
C TYR A 403 -0.68 8.47 21.65
N PRO A 404 -1.30 9.35 20.84
CA PRO A 404 -2.39 8.95 19.95
C PRO A 404 -1.88 8.21 18.72
N PRO A 405 -2.52 7.10 18.35
CA PRO A 405 -2.14 6.30 17.18
C PRO A 405 -2.44 7.02 15.87
N PRO A 406 -1.77 6.63 14.78
CA PRO A 406 -2.04 7.23 13.47
C PRO A 406 -3.40 6.81 12.93
N SER A 407 -4.07 7.71 12.23
CA SER A 407 -5.39 7.41 11.69
C SER A 407 -5.32 7.08 10.20
N ARG A 408 -4.91 8.06 9.39
CA ARG A 408 -4.89 7.90 7.94
C ARG A 408 -3.98 6.77 7.47
N GLU A 409 -2.91 6.51 8.22
CA GLU A 409 -1.99 5.43 7.87
C GLU A 409 -2.67 4.07 8.04
N LYS A 410 -3.45 3.93 9.11
CA LYS A 410 -4.19 2.69 9.35
C LYS A 410 -5.36 2.56 8.38
N LYS A 411 -6.06 3.67 8.15
CA LYS A 411 -7.20 3.68 7.23
C LYS A 411 -6.77 3.36 5.81
N ALA A 412 -5.53 3.69 5.48
CA ALA A 412 -4.99 3.42 4.15
C ALA A 412 -4.85 1.93 3.89
N VAL A 413 -4.25 1.22 4.84
CA VAL A 413 -4.05 -0.22 4.68
C VAL A 413 -5.37 -0.97 4.86
N ARG A 414 -6.34 -0.31 5.48
CA ARG A 414 -7.67 -0.90 5.59
C ARG A 414 -8.30 -0.96 4.21
N VAL A 415 -8.11 0.09 3.42
CA VAL A 415 -8.67 0.15 2.09
C VAL A 415 -8.05 -0.89 1.16
N ILE A 416 -6.72 -0.90 1.09
CA ILE A 416 -6.02 -1.74 0.14
C ILE A 416 -6.07 -3.23 0.50
N PHE A 417 -6.12 -3.54 1.78
CA PHE A 417 -6.25 -4.93 2.19
C PHE A 417 -7.64 -5.44 1.85
N THR A 418 -8.64 -4.57 2.04
CA THR A 418 -10.01 -4.92 1.67
C THR A 418 -10.11 -5.19 0.17
N ILE A 419 -9.46 -4.33 -0.62
CA ILE A 419 -9.41 -4.49 -2.07
C ILE A 419 -8.91 -5.87 -2.46
N MET A 420 -7.86 -6.32 -1.80
CA MET A 420 -7.24 -7.61 -2.11
C MET A 420 -8.07 -8.79 -1.58
N ILE A 421 -8.62 -8.64 -0.39
CA ILE A 421 -9.45 -9.70 0.19
C ILE A 421 -10.68 -9.95 -0.68
N VAL A 422 -11.30 -8.86 -1.14
CA VAL A 422 -12.47 -8.99 -2.01
C VAL A 422 -12.07 -9.61 -3.35
N TYR A 423 -10.90 -9.25 -3.86
CA TYR A 423 -10.35 -9.88 -5.05
C TYR A 423 -10.26 -11.39 -4.85
N PHE A 424 -9.74 -11.80 -3.71
CA PHE A 424 -9.64 -13.21 -3.36
C PHE A 424 -11.00 -13.88 -3.42
N LEU A 425 -11.98 -13.24 -2.80
CA LEU A 425 -13.35 -13.76 -2.79
C LEU A 425 -13.88 -14.04 -4.19
N PHE A 426 -13.57 -13.15 -5.13
CA PHE A 426 -14.15 -13.25 -6.47
C PHE A 426 -13.39 -14.17 -7.42
N TRP A 427 -12.09 -14.34 -7.20
CA TRP A 427 -11.27 -15.08 -8.15
C TRP A 427 -10.66 -16.38 -7.61
N THR A 428 -10.76 -16.61 -6.31
CA THR A 428 -10.20 -17.84 -5.74
C THR A 428 -11.00 -19.10 -6.08
N PRO A 429 -12.35 -19.04 -6.02
CA PRO A 429 -13.07 -20.26 -6.40
C PRO A 429 -12.78 -20.71 -7.82
N TYR A 430 -12.50 -19.77 -8.73
CA TYR A 430 -12.13 -20.13 -10.10
C TYR A 430 -10.76 -20.80 -10.15
N ASN A 431 -9.78 -20.19 -9.47
CA ASN A 431 -8.42 -20.71 -9.49
C ASN A 431 -8.33 -22.13 -8.96
N ILE A 432 -9.14 -22.44 -7.95
CA ILE A 432 -9.10 -23.75 -7.33
C ILE A 432 -9.78 -24.83 -8.19
N VAL A 433 -10.95 -24.52 -8.73
CA VAL A 433 -11.70 -25.52 -9.49
C VAL A 433 -10.99 -25.90 -10.79
N ILE A 434 -10.18 -25.00 -11.33
CA ILE A 434 -9.42 -25.32 -12.54
C ILE A 434 -8.18 -26.10 -12.15
N LEU A 435 -7.73 -25.93 -10.91
CA LEU A 435 -6.58 -26.68 -10.41
C LEU A 435 -7.00 -28.12 -10.15
N LEU A 436 -8.22 -28.30 -9.66
CA LEU A 436 -8.81 -29.63 -9.48
C LEU A 436 -9.08 -30.27 -10.84
N ASN A 437 -9.53 -29.45 -11.79
CA ASN A 437 -9.89 -29.93 -13.13
C ASN A 437 -8.65 -30.23 -13.97
N THR A 438 -7.49 -29.89 -13.45
CA THR A 438 -6.23 -30.08 -14.18
C THR A 438 -5.35 -31.14 -13.51
N PHE A 439 -4.67 -30.74 -12.44
CA PHE A 439 -3.65 -31.59 -11.82
C PHE A 439 -4.25 -32.69 -10.96
N GLN A 440 -5.13 -32.32 -10.05
CA GLN A 440 -5.65 -33.26 -9.06
C GLN A 440 -6.77 -34.16 -9.59
N GLU A 441 -7.12 -33.99 -10.86
CA GLU A 441 -8.07 -34.89 -11.49
C GLU A 441 -7.31 -36.15 -11.90
N PHE A 442 -5.98 -36.04 -11.93
CA PHE A 442 -5.11 -37.18 -12.18
C PHE A 442 -4.83 -37.91 -10.87
N PHE A 443 -4.77 -37.15 -9.78
CA PHE A 443 -4.60 -37.73 -8.45
C PHE A 443 -5.80 -38.59 -8.08
N GLY A 444 -6.99 -38.00 -8.19
CA GLY A 444 -8.23 -38.70 -7.89
C GLY A 444 -9.38 -38.02 -8.62
N LEU A 445 -10.57 -38.03 -8.01
CA LEU A 445 -11.73 -37.32 -8.55
C LEU A 445 -12.11 -37.77 -9.96
N SER A 446 -11.70 -38.98 -10.36
CA SER A 446 -11.87 -39.43 -11.74
C SER A 446 -13.24 -40.03 -12.01
N ASN A 447 -13.85 -39.61 -13.11
CA ASN A 447 -15.12 -40.15 -13.58
C ASN A 447 -15.41 -39.69 -15.01
N CYS A 448 -16.43 -40.29 -15.63
CA CYS A 448 -16.78 -39.93 -17.01
C CYS A 448 -17.55 -38.62 -17.05
N GLU A 449 -18.44 -38.43 -16.08
CA GLU A 449 -19.21 -37.20 -15.97
C GLU A 449 -18.45 -36.16 -15.15
N SER A 450 -17.24 -36.52 -14.72
CA SER A 450 -16.42 -35.64 -13.90
C SER A 450 -15.95 -34.40 -14.66
N THR A 451 -15.29 -34.62 -15.79
CA THR A 451 -14.75 -33.52 -16.59
C THR A 451 -15.85 -32.57 -17.04
N SER A 452 -17.00 -33.13 -17.40
CA SER A 452 -18.13 -32.33 -17.84
C SER A 452 -18.65 -31.41 -16.74
N GLN A 453 -18.75 -31.94 -15.52
CA GLN A 453 -19.24 -31.17 -14.39
C GLN A 453 -18.18 -30.17 -13.91
N LEU A 454 -16.91 -30.56 -14.00
CA LEU A 454 -15.81 -29.68 -13.63
C LEU A 454 -15.74 -28.51 -14.59
N ASP A 455 -16.15 -28.73 -15.83
CA ASP A 455 -16.22 -27.66 -16.83
C ASP A 455 -17.32 -26.69 -16.49
N GLN A 456 -18.47 -27.22 -16.07
CA GLN A 456 -19.60 -26.39 -15.65
C GLN A 456 -19.19 -25.49 -14.49
N ALA A 457 -18.51 -26.08 -13.50
CA ALA A 457 -18.03 -25.32 -12.34
C ALA A 457 -17.02 -24.27 -12.78
N THR A 458 -16.20 -24.59 -13.78
CA THR A 458 -15.23 -23.66 -14.31
C THR A 458 -15.92 -22.45 -14.94
N GLN A 459 -16.98 -22.72 -15.70
CA GLN A 459 -17.74 -21.66 -16.36
C GLN A 459 -18.39 -20.72 -15.35
N VAL A 460 -19.04 -21.29 -14.34
CA VAL A 460 -19.75 -20.51 -13.34
C VAL A 460 -18.80 -19.64 -12.53
N THR A 461 -17.71 -20.24 -12.05
CA THR A 461 -16.75 -19.54 -11.21
C THR A 461 -16.04 -18.42 -11.97
N GLU A 462 -15.76 -18.66 -13.24
CA GLU A 462 -15.11 -17.64 -14.07
C GLU A 462 -16.07 -16.48 -14.30
N THR A 463 -17.35 -16.80 -14.45
CA THR A 463 -18.39 -15.78 -14.56
C THR A 463 -18.39 -14.91 -13.31
N LEU A 464 -18.28 -15.55 -12.15
CA LEU A 464 -18.19 -14.83 -10.88
C LEU A 464 -17.02 -13.88 -10.85
N GLY A 465 -15.86 -14.37 -11.26
CA GLY A 465 -14.65 -13.57 -11.29
C GLY A 465 -14.72 -12.41 -12.28
N MET A 466 -15.47 -12.60 -13.36
CA MET A 466 -15.59 -11.57 -14.38
C MET A 466 -16.41 -10.38 -13.89
N THR A 467 -17.19 -10.57 -12.82
CA THR A 467 -17.99 -9.49 -12.27
C THR A 467 -17.21 -8.69 -11.22
N HIS A 468 -15.90 -8.93 -11.15
CA HIS A 468 -15.06 -8.24 -10.17
C HIS A 468 -14.50 -6.94 -10.70
N CYS A 469 -14.47 -6.79 -12.02
CA CYS A 469 -13.88 -5.61 -12.64
C CYS A 469 -14.69 -4.33 -12.41
N CYS A 470 -15.77 -4.44 -11.65
CA CYS A 470 -16.61 -3.28 -11.35
C CYS A 470 -16.71 -3.04 -9.85
N ILE A 471 -15.88 -3.74 -9.07
CA ILE A 471 -16.01 -3.73 -7.63
C ILE A 471 -15.14 -2.67 -6.94
N ASN A 472 -13.90 -2.52 -7.43
CA ASN A 472 -12.94 -1.61 -6.81
C ASN A 472 -13.45 -0.18 -6.57
N PRO A 473 -14.06 0.47 -7.59
CA PRO A 473 -14.57 1.82 -7.30
C PRO A 473 -15.66 1.83 -6.24
N ILE A 474 -16.42 0.75 -6.11
CA ILE A 474 -17.46 0.67 -5.09
C ILE A 474 -16.84 0.56 -3.71
N ILE A 475 -15.77 -0.24 -3.62
CA ILE A 475 -15.05 -0.39 -2.36
C ILE A 475 -14.45 0.95 -1.92
N TYR A 476 -13.98 1.73 -2.90
CA TYR A 476 -13.45 3.06 -2.62
C TYR A 476 -14.51 3.92 -1.94
N ALA A 477 -15.71 3.92 -2.50
CA ALA A 477 -16.80 4.76 -2.02
C ALA A 477 -17.29 4.35 -0.62
N PHE A 478 -17.15 3.08 -0.29
CA PHE A 478 -17.64 2.58 1.00
C PHE A 478 -16.58 2.61 2.09
N VAL A 479 -15.33 2.39 1.73
CA VAL A 479 -14.26 2.29 2.71
C VAL A 479 -13.41 3.56 2.76
N GLY A 480 -13.12 4.12 1.60
CA GLY A 480 -12.20 5.25 1.49
C GLY A 480 -12.82 6.61 1.69
N GLU A 481 -12.33 7.33 2.69
CA GLU A 481 -12.87 8.64 3.02
C GLU A 481 -12.32 9.73 2.09
N LYS A 482 -11.08 9.57 1.65
CA LYS A 482 -10.48 10.54 0.74
C LYS A 482 -11.17 10.52 -0.62
N PHE A 483 -11.60 9.34 -1.04
CA PHE A 483 -12.26 9.18 -2.34
C PHE A 483 -13.61 9.88 -2.34
N ARG A 484 -14.36 9.73 -1.24
CA ARG A 484 -15.64 10.40 -1.10
C ARG A 484 -15.46 11.91 -1.02
N ARG A 485 -14.35 12.34 -0.45
CA ARG A 485 -14.02 13.76 -0.39
C ARG A 485 -13.75 14.28 -1.79
N TYR A 486 -13.07 13.47 -2.60
CA TYR A 486 -12.78 13.84 -3.99
C TYR A 486 -14.07 13.91 -4.79
N LEU A 487 -15.06 13.11 -4.40
CA LEU A 487 -16.36 13.12 -5.04
C LEU A 487 -17.16 14.36 -4.65
N SER A 488 -16.94 14.82 -3.41
CA SER A 488 -17.64 15.98 -2.90
C SER A 488 -17.21 17.25 -3.61
N VAL A 489 -15.93 17.32 -3.96
CA VAL A 489 -15.42 18.48 -4.67
C VAL A 489 -15.64 18.35 -6.17
N PHE A 490 -15.98 17.14 -6.62
CA PHE A 490 -16.28 16.92 -8.02
C PHE A 490 -17.69 17.35 -8.35
N PHE A 491 -18.56 17.29 -7.33
CA PHE A 491 -19.97 17.65 -7.49
C PHE A 491 -20.36 18.75 -6.50
#